data_4EUE
#
_entry.id   4EUE
#
_cell.length_a   111.205
_cell.length_b   45.950
_cell.length_c   85.431
_cell.angle_alpha   90.000
_cell.angle_beta   90.740
_cell.angle_gamma   90.000
#
_symmetry.space_group_name_H-M   'C 1 2 1'
#
loop_
_entity.id
_entity.type
_entity.pdbx_description
1 polymer 'Putative reductase CA_C0462'
2 non-polymer '1,4-DIHYDRONICOTINAMIDE ADENINE DINUCLEOTIDE'
3 non-polymer 'SODIUM ION'
4 water water
#
_entity_poly.entity_id   1
_entity_poly.type   'polypeptide(L)'
_entity_poly.pdbx_seq_one_letter_code
;(MSE)GSSHHHHHHSSGLVPRGSH(MSE)IVKAKFVKGFIRDVHPYGCRREVLNQIDYCKKAIGFRGPKKVLIVGASSGF
GLATRISVAFGGPEAHTIGVSYETGATDRRIGTAGWYNNIFFKEFAKKKGLVAKNFIEDAFSNETKDKVIKYIKDEFGKI
DLFVYSLAAPRRKDYKTGNVYTSRIKTILGDFEGPTIDVERDEITLKKVSSASIEEIEETRKV(MSE)GGEDWQEWCEEL
LYEDCFSDKATTIAYSYIGSPRTYKIYREGTIGIAKKDLEDKAKLINEKLNRVIGGRAFVSVNKALVTKASAYIPTFPLY
AAILYKV(MSE)KEKNIHENCI(MSE)QIER(MSE)FSEKIYSNEKIQFDDKGRLR(MSE)DDLELRKDVQDEVDRIWSN
ITPENFKELSDYKGYKKEF(MSE)NLNGFDLDGVDYSKDLDIELLRKLEP
;
_entity_poly.pdbx_strand_id   A
#
loop_
_chem_comp.id
_chem_comp.type
_chem_comp.name
_chem_comp.formula
NA non-polymer 'SODIUM ION' 'Na 1'
NAI non-polymer '1,4-DIHYDRONICOTINAMIDE ADENINE DINUCLEOTIDE' 'C21 H29 N7 O14 P2'
#
# COMPACT_ATOMS: atom_id res chain seq x y z
N MSE A 21 -1.53 2.95 30.96
CA MSE A 21 -2.41 2.08 30.14
C MSE A 21 -1.60 0.99 29.43
O MSE A 21 -0.60 1.28 28.77
CB MSE A 21 -3.17 2.92 29.09
CG MSE A 21 -4.21 2.13 28.31
SE MSE A 21 -4.47 2.79 26.50
CE MSE A 21 -5.81 1.51 25.90
N ILE A 22 -2.04 -0.25 29.59
CA ILE A 22 -1.42 -1.39 28.90
C ILE A 22 -2.27 -1.78 27.68
N VAL A 23 -1.73 -1.49 26.49
CA VAL A 23 -2.45 -1.77 25.24
C VAL A 23 -2.37 -3.25 24.88
N LYS A 24 -3.53 -3.86 24.71
CA LYS A 24 -3.65 -5.26 24.29
C LYS A 24 -4.32 -5.32 22.93
N ALA A 25 -3.89 -6.27 22.09
CA ALA A 25 -4.55 -6.52 20.82
C ALA A 25 -5.98 -7.02 21.08
N LYS A 26 -6.96 -6.26 20.62
CA LYS A 26 -8.36 -6.64 20.77
C LYS A 26 -9.18 -6.19 19.57
N PHE A 27 -10.28 -6.90 19.33
CA PHE A 27 -11.11 -6.66 18.15
C PHE A 27 -12.42 -6.00 18.49
N VAL A 28 -12.83 -5.08 17.62
CA VAL A 28 -14.16 -4.49 17.65
C VAL A 28 -14.68 -4.49 16.21
N LYS A 29 -15.75 -5.24 15.98
CA LYS A 29 -16.35 -5.42 14.65
C LYS A 29 -15.38 -6.06 13.64
N GLY A 30 -14.48 -6.89 14.14
CA GLY A 30 -13.48 -7.55 13.30
C GLY A 30 -12.26 -6.70 12.98
N PHE A 31 -12.20 -5.50 13.55
CA PHE A 31 -11.05 -4.61 13.40
C PHE A 31 -10.29 -4.49 14.73
N ILE A 32 -8.96 -4.41 14.65
CA ILE A 32 -8.13 -4.15 15.83
C ILE A 32 -8.55 -2.80 16.37
N ARG A 33 -8.85 -2.74 17.67
CA ARG A 33 -9.34 -1.50 18.28
C ARG A 33 -8.21 -0.48 18.49
N ASP A 34 -7.14 -0.91 19.15
CA ASP A 34 -6.01 -0.03 19.44
C ASP A 34 -4.72 -0.60 18.89
N VAL A 35 -3.99 0.22 18.16
CA VAL A 35 -2.66 -0.16 17.71
C VAL A 35 -1.67 0.04 18.86
N HIS A 36 -0.51 -0.60 18.79
CA HIS A 36 0.55 -0.33 19.75
C HIS A 36 1.53 0.67 19.13
N PRO A 37 1.47 1.95 19.57
CA PRO A 37 2.26 3.00 18.90
C PRO A 37 3.76 2.76 18.90
N TYR A 38 4.31 2.26 20.01
CA TYR A 38 5.75 1.99 20.03
C TYR A 38 6.12 0.75 19.25
N GLY A 39 5.17 -0.16 19.09
CA GLY A 39 5.32 -1.28 18.17
C GLY A 39 5.43 -0.77 16.74
N CYS A 40 4.60 0.21 16.39
CA CYS A 40 4.67 0.86 15.08
C CYS A 40 6.06 1.48 14.83
N ARG A 41 6.62 2.13 15.87
CA ARG A 41 7.98 2.66 15.78
C ARG A 41 8.97 1.55 15.41
N ARG A 42 8.88 0.42 16.12
CA ARG A 42 9.75 -0.73 15.91
C ARG A 42 9.61 -1.32 14.50
N GLU A 43 8.38 -1.36 14.00
CA GLU A 43 8.10 -1.90 12.68
C GLU A 43 8.63 -1.00 11.57
N VAL A 44 8.55 0.33 11.77
CA VAL A 44 9.20 1.28 10.87
C VAL A 44 10.72 1.05 10.88
N LEU A 45 11.28 0.93 12.08
CA LEU A 45 12.71 0.71 12.25
C LEU A 45 13.21 -0.60 11.62
N ASN A 46 12.41 -1.65 11.74
CA ASN A 46 12.71 -2.94 11.09
C ASN A 46 12.84 -2.81 9.57
N GLN A 47 11.94 -2.05 8.96
CA GLN A 47 12.00 -1.79 7.50
C GLN A 47 13.20 -0.92 7.14
N ILE A 48 13.49 0.09 7.96
CA ILE A 48 14.69 0.92 7.79
C ILE A 48 15.97 0.07 7.86
N ASP A 49 16.01 -0.86 8.82
CA ASP A 49 17.16 -1.73 8.99
C ASP A 49 17.37 -2.67 7.80
N TYR A 50 16.27 -3.13 7.20
CA TYR A 50 16.36 -3.94 5.99
C TYR A 50 17.00 -3.15 4.84
N CYS A 51 16.57 -1.90 4.68
CA CYS A 51 17.08 -1.01 3.63
C CYS A 51 18.54 -0.60 3.84
N LYS A 52 18.93 -0.44 5.09
CA LYS A 52 20.32 -0.10 5.46
C LYS A 52 21.27 -1.27 5.18
N LYS A 53 20.77 -2.48 5.36
CA LYS A 53 21.52 -3.71 5.13
C LYS A 53 21.57 -4.10 3.64
N ALA A 54 20.66 -3.55 2.84
CA ALA A 54 20.59 -3.89 1.42
C ALA A 54 21.81 -3.39 0.65
N ILE A 55 22.01 -3.93 -0.55
CA ILE A 55 23.17 -3.57 -1.37
C ILE A 55 23.15 -2.08 -1.73
N GLY A 56 21.96 -1.51 -1.87
CA GLY A 56 21.81 -0.09 -2.13
C GLY A 56 21.56 0.23 -3.59
N PHE A 57 20.79 1.28 -3.82
CA PHE A 57 20.59 1.81 -5.16
C PHE A 57 20.64 3.33 -5.12
N ARG A 58 20.65 3.94 -6.29
CA ARG A 58 20.77 5.39 -6.42
C ARG A 58 19.80 5.83 -7.52
N GLY A 59 19.35 7.07 -7.46
CA GLY A 59 18.44 7.59 -8.47
C GLY A 59 17.63 8.78 -8.02
N PRO A 60 16.51 8.54 -7.31
CA PRO A 60 15.63 9.65 -6.93
C PRO A 60 16.24 10.51 -5.82
N LYS A 61 16.02 11.81 -5.87
CA LYS A 61 16.50 12.70 -4.82
C LYS A 61 15.36 13.43 -4.09
N LYS A 62 14.28 13.70 -4.83
CA LYS A 62 13.13 14.39 -4.27
C LYS A 62 11.85 13.66 -4.66
N VAL A 63 11.15 13.14 -3.65
CA VAL A 63 10.08 12.16 -3.88
C VAL A 63 8.76 12.59 -3.22
N LEU A 64 7.69 12.52 -4.00
CA LEU A 64 6.34 12.73 -3.49
C LEU A 64 5.60 11.39 -3.45
N ILE A 65 5.06 11.04 -2.29
CA ILE A 65 4.25 9.83 -2.18
C ILE A 65 2.88 10.16 -1.60
N VAL A 66 1.85 9.88 -2.38
CA VAL A 66 0.48 9.92 -1.89
C VAL A 66 0.14 8.52 -1.36
N GLY A 67 -0.23 8.47 -0.08
CA GLY A 67 -0.51 7.20 0.59
C GLY A 67 0.74 6.69 1.26
N ALA A 68 1.42 7.60 1.96
CA ALA A 68 2.77 7.37 2.46
C ALA A 68 2.86 6.75 3.86
N SER A 69 1.72 6.62 4.53
CA SER A 69 1.71 6.28 5.97
C SER A 69 1.78 4.78 6.32
N SER A 70 1.50 3.91 5.35
CA SER A 70 1.47 2.47 5.63
C SER A 70 1.58 1.67 4.33
N GLY A 71 1.73 0.35 4.49
CA GLY A 71 1.74 -0.57 3.36
C GLY A 71 2.81 -0.26 2.33
N PHE A 72 2.43 -0.31 1.05
CA PHE A 72 3.39 -0.09 -0.03
C PHE A 72 3.95 1.32 -0.09
N GLY A 73 3.12 2.31 0.28
CA GLY A 73 3.54 3.71 0.26
C GLY A 73 4.58 4.01 1.32
N LEU A 74 4.39 3.46 2.52
CA LEU A 74 5.40 3.59 3.57
C LEU A 74 6.69 2.89 3.19
N ALA A 75 6.59 1.68 2.64
CA ALA A 75 7.78 0.96 2.20
C ALA A 75 8.51 1.73 1.10
N THR A 76 7.75 2.35 0.20
CA THR A 76 8.31 3.20 -0.86
C THR A 76 9.13 4.35 -0.23
N ARG A 77 8.55 5.02 0.76
CA ARG A 77 9.21 6.13 1.43
C ARG A 77 10.49 5.72 2.15
N ILE A 78 10.42 4.60 2.86
CA ILE A 78 11.57 4.09 3.61
C ILE A 78 12.67 3.63 2.65
N SER A 79 12.26 3.07 1.52
CA SER A 79 13.21 2.59 0.52
C SER A 79 14.04 3.74 -0.08
N VAL A 80 13.38 4.81 -0.50
CA VAL A 80 14.10 5.92 -1.16
C VAL A 80 14.94 6.74 -0.18
N ALA A 81 14.49 6.80 1.07
CA ALA A 81 15.20 7.55 2.11
C ALA A 81 16.41 6.77 2.67
N PHE A 82 16.23 5.47 2.86
CA PHE A 82 17.20 4.65 3.60
C PHE A 82 17.89 3.55 2.79
N GLY A 83 17.40 3.31 1.57
CA GLY A 83 17.92 2.23 0.73
C GLY A 83 19.02 2.65 -0.21
N GLY A 84 19.58 3.85 0.00
CA GLY A 84 20.70 4.32 -0.83
C GLY A 84 20.60 5.73 -1.39
N PRO A 85 19.43 6.10 -1.95
CA PRO A 85 19.30 7.43 -2.58
C PRO A 85 19.36 8.62 -1.63
N GLU A 86 19.18 8.38 -0.32
CA GLU A 86 19.10 9.46 0.67
C GLU A 86 18.14 10.55 0.21
N ALA A 87 16.97 10.12 -0.26
CA ALA A 87 16.00 11.04 -0.84
C ALA A 87 15.21 11.80 0.21
N HIS A 88 14.98 13.09 -0.07
CA HIS A 88 14.01 13.89 0.65
C HIS A 88 12.62 13.50 0.16
N THR A 89 11.64 13.51 1.06
CA THR A 89 10.32 12.97 0.74
C THR A 89 9.19 13.83 1.27
N ILE A 90 8.13 13.94 0.46
CA ILE A 90 6.84 14.45 0.91
C ILE A 90 5.88 13.27 1.00
N GLY A 91 5.24 13.12 2.15
CA GLY A 91 4.21 12.10 2.33
C GLY A 91 2.85 12.74 2.54
N VAL A 92 1.88 12.31 1.74
CA VAL A 92 0.50 12.73 1.89
C VAL A 92 -0.29 11.50 2.32
N SER A 93 -1.01 11.63 3.42
CA SER A 93 -1.83 10.52 3.89
C SER A 93 -3.03 11.04 4.65
N TYR A 94 -4.04 10.20 4.80
CA TYR A 94 -5.16 10.54 5.66
C TYR A 94 -5.17 9.63 6.88
N GLU A 95 -4.82 10.20 8.04
CA GLU A 95 -4.73 9.47 9.30
C GLU A 95 -5.23 10.33 10.44
N THR A 96 -5.58 9.69 11.56
CA THR A 96 -6.03 10.42 12.73
C THR A 96 -5.25 10.02 13.97
N GLY A 97 -5.06 10.97 14.87
CA GLY A 97 -4.28 10.75 16.08
C GLY A 97 -5.13 10.39 17.26
N ALA A 98 -4.55 10.54 18.46
CA ALA A 98 -5.20 10.18 19.70
C ALA A 98 -6.39 11.09 20.01
N THR A 99 -7.50 10.50 20.40
CA THR A 99 -8.65 11.23 20.93
C THR A 99 -8.86 10.75 22.37
N ASP A 100 -9.94 11.20 23.01
CA ASP A 100 -10.26 10.73 24.36
C ASP A 100 -10.86 9.32 24.38
N ARG A 101 -11.06 8.74 23.19
CA ARG A 101 -11.60 7.37 23.08
C ARG A 101 -10.71 6.44 22.26
N ARG A 102 -9.90 7.00 21.37
CA ARG A 102 -9.03 6.22 20.48
C ARG A 102 -7.58 6.64 20.61
N ILE A 103 -6.67 5.71 20.34
CA ILE A 103 -5.23 5.95 20.49
C ILE A 103 -4.60 6.59 19.24
N GLY A 104 -5.25 6.44 18.09
CA GLY A 104 -4.71 6.91 16.81
C GLY A 104 -4.41 5.73 15.89
N THR A 105 -4.36 5.99 14.59
CA THR A 105 -4.14 4.92 13.61
C THR A 105 -2.67 4.51 13.53
N ALA A 106 -2.42 3.31 13.01
CA ALA A 106 -1.06 2.84 12.80
C ALA A 106 -0.32 3.82 11.89
N GLY A 107 -0.98 4.24 10.81
CA GLY A 107 -0.40 5.18 9.85
C GLY A 107 -0.06 6.53 10.46
N TRP A 108 -0.91 7.00 11.37
CA TRP A 108 -0.65 8.22 12.15
C TRP A 108 0.74 8.16 12.78
N TYR A 109 1.00 7.07 13.50
CA TYR A 109 2.26 6.89 14.18
C TYR A 109 3.43 6.58 13.25
N ASN A 110 3.18 5.80 12.20
CA ASN A 110 4.21 5.53 11.19
C ASN A 110 4.78 6.83 10.61
N ASN A 111 3.92 7.77 10.27
CA ASN A 111 4.33 9.09 9.76
C ASN A 111 5.28 9.79 10.74
N ILE A 112 4.92 9.73 12.02
CA ILE A 112 5.65 10.42 13.09
C ILE A 112 7.03 9.82 13.30
N PHE A 113 7.10 8.50 13.39
CA PHE A 113 8.36 7.82 13.60
C PHE A 113 9.25 7.78 12.37
N PHE A 114 8.67 7.69 11.18
CA PHE A 114 9.47 7.85 9.98
C PHE A 114 10.18 9.21 9.99
N LYS A 115 9.42 10.26 10.29
CA LYS A 115 9.96 11.62 10.32
C LYS A 115 11.10 11.74 11.33
N GLU A 116 10.90 11.18 12.52
CA GLU A 116 11.94 11.15 13.54
C GLU A 116 13.22 10.52 13.00
N PHE A 117 13.11 9.35 12.38
CA PHE A 117 14.28 8.67 11.84
C PHE A 117 14.91 9.40 10.65
N ALA A 118 14.08 9.97 9.79
CA ALA A 118 14.58 10.68 8.61
C ALA A 118 15.32 11.98 9.00
N LYS A 119 14.77 12.69 9.97
CA LYS A 119 15.40 13.90 10.51
C LYS A 119 16.77 13.62 11.13
N LYS A 120 16.88 12.53 11.88
CA LYS A 120 18.14 12.15 12.53
C LYS A 120 19.22 11.87 11.48
N LYS A 121 18.80 11.37 10.31
CA LYS A 121 19.70 11.11 9.19
C LYS A 121 19.93 12.36 8.35
N GLY A 122 19.32 13.47 8.75
CA GLY A 122 19.47 14.75 8.06
C GLY A 122 18.68 14.87 6.76
N LEU A 123 17.55 14.18 6.69
CA LEU A 123 16.69 14.23 5.49
C LEU A 123 15.42 15.03 5.74
N VAL A 124 14.94 15.70 4.70
CA VAL A 124 13.65 16.36 4.75
C VAL A 124 12.56 15.28 4.66
N ALA A 125 11.58 15.35 5.56
CA ALA A 125 10.43 14.46 5.54
C ALA A 125 9.18 15.24 5.92
N LYS A 126 8.52 15.80 4.91
CA LYS A 126 7.33 16.59 5.11
C LYS A 126 6.10 15.70 5.08
N ASN A 127 5.20 15.92 6.04
CA ASN A 127 3.92 15.22 6.08
C ASN A 127 2.77 16.18 5.84
N PHE A 128 1.88 15.80 4.93
CA PHE A 128 0.60 16.46 4.78
C PHE A 128 -0.47 15.45 5.19
N ILE A 129 -1.09 15.68 6.34
CA ILE A 129 -2.18 14.81 6.80
C ILE A 129 -3.49 15.39 6.23
N GLU A 130 -3.79 14.99 4.99
CA GLU A 130 -4.83 15.65 4.21
C GLU A 130 -5.50 14.65 3.26
N ASP A 131 -6.71 14.99 2.83
CA ASP A 131 -7.41 14.23 1.81
C ASP A 131 -6.80 14.52 0.43
N ALA A 132 -6.15 13.53 -0.16
CA ALA A 132 -5.48 13.69 -1.46
C ALA A 132 -6.44 13.99 -2.61
N PHE A 133 -7.72 13.66 -2.44
CA PHE A 133 -8.72 13.90 -3.47
C PHE A 133 -9.10 15.37 -3.59
N SER A 134 -8.68 16.16 -2.61
CA SER A 134 -9.02 17.57 -2.55
C SER A 134 -8.16 18.42 -3.46
N ASN A 135 -8.80 19.39 -4.13
CA ASN A 135 -8.10 20.43 -4.88
C ASN A 135 -7.25 21.30 -3.97
N GLU A 136 -7.74 21.51 -2.75
CA GLU A 136 -7.04 22.27 -1.71
C GLU A 136 -5.72 21.60 -1.33
N THR A 137 -5.76 20.27 -1.19
CA THR A 137 -4.58 19.49 -0.83
C THR A 137 -3.52 19.59 -1.92
N LYS A 138 -3.95 19.47 -3.18
CA LYS A 138 -3.05 19.58 -4.32
C LYS A 138 -2.35 20.95 -4.33
N ASP A 139 -3.11 22.01 -4.08
CA ASP A 139 -2.58 23.38 -4.04
C ASP A 139 -1.55 23.55 -2.92
N LYS A 140 -1.84 22.98 -1.75
CA LYS A 140 -0.90 23.03 -0.62
C LYS A 140 0.44 22.37 -0.95
N VAL A 141 0.37 21.19 -1.57
CA VAL A 141 1.56 20.41 -1.89
C VAL A 141 2.37 21.09 -3.00
N ILE A 142 1.67 21.52 -4.06
CA ILE A 142 2.30 22.28 -5.14
C ILE A 142 3.00 23.54 -4.61
N LYS A 143 2.33 24.26 -3.72
CA LYS A 143 2.91 25.47 -3.08
C LYS A 143 4.20 25.13 -2.33
N TYR A 144 4.17 24.06 -1.55
CA TYR A 144 5.34 23.61 -0.80
C TYR A 144 6.49 23.19 -1.72
N ILE A 145 6.17 22.52 -2.83
CA ILE A 145 7.18 22.07 -3.79
C ILE A 145 7.87 23.27 -4.43
N LYS A 146 7.07 24.23 -4.89
CA LYS A 146 7.58 25.42 -5.56
C LYS A 146 8.37 26.33 -4.61
N ASP A 147 7.83 26.56 -3.43
CA ASP A 147 8.44 27.49 -2.46
C ASP A 147 9.64 26.91 -1.70
N GLU A 148 9.56 25.64 -1.31
CA GLU A 148 10.54 25.07 -0.38
C GLU A 148 11.27 23.81 -0.86
N PHE A 149 10.52 22.82 -1.34
CA PHE A 149 11.04 21.49 -1.58
C PHE A 149 11.98 21.40 -2.79
N GLY A 150 11.59 22.06 -3.87
CA GLY A 150 12.24 21.87 -5.16
C GLY A 150 11.54 20.78 -5.95
N LYS A 151 11.79 20.77 -7.27
CA LYS A 151 11.14 19.87 -8.21
C LYS A 151 11.27 18.39 -7.87
N ILE A 152 10.22 17.63 -8.18
CA ILE A 152 10.10 16.21 -7.88
C ILE A 152 10.60 15.36 -9.05
N ASP A 153 11.40 14.33 -8.75
CA ASP A 153 11.83 13.40 -9.80
C ASP A 153 11.09 12.07 -9.75
N LEU A 154 10.41 11.81 -8.63
CA LEU A 154 9.61 10.59 -8.45
C LEU A 154 8.30 10.87 -7.69
N PHE A 155 7.18 10.44 -8.27
CA PHE A 155 5.87 10.59 -7.66
C PHE A 155 5.19 9.23 -7.61
N VAL A 156 4.93 8.74 -6.40
CA VAL A 156 4.29 7.45 -6.23
C VAL A 156 2.88 7.63 -5.69
N TYR A 157 1.91 7.08 -6.40
CA TYR A 157 0.50 7.17 -6.02
C TYR A 157 0.06 5.82 -5.47
N SER A 158 -0.05 5.74 -4.15
CA SER A 158 -0.26 4.48 -3.46
C SER A 158 -1.43 4.64 -2.48
N LEU A 159 -2.61 4.90 -3.03
CA LEU A 159 -3.75 5.26 -2.20
C LEU A 159 -4.80 4.14 -2.16
N ALA A 160 -5.27 3.82 -0.97
CA ALA A 160 -6.40 2.89 -0.81
C ALA A 160 -7.47 3.52 0.07
N ALA A 161 -8.59 3.90 -0.54
CA ALA A 161 -9.66 4.62 0.17
C ALA A 161 -11.03 3.96 -0.03
N PRO A 162 -11.90 4.09 1.00
CA PRO A 162 -13.28 3.60 0.87
C PRO A 162 -14.21 4.57 0.14
N ARG A 163 -13.77 5.81 -0.09
CA ARG A 163 -14.61 6.82 -0.73
C ARG A 163 -13.80 7.98 -1.30
N ARG A 164 -14.43 8.73 -2.21
CA ARG A 164 -13.84 9.94 -2.80
C ARG A 164 -14.85 11.09 -2.82
N LYS A 165 -14.44 12.23 -2.30
CA LYS A 165 -15.25 13.44 -2.33
C LYS A 165 -14.81 14.33 -3.50
N ASP A 166 -15.79 14.80 -4.27
CA ASP A 166 -15.55 15.82 -5.29
C ASP A 166 -15.87 17.16 -4.64
N TYR A 167 -14.80 17.86 -4.22
CA TYR A 167 -14.94 19.07 -3.39
C TYR A 167 -15.64 20.25 -4.08
N LYS A 168 -15.68 20.23 -5.41
CA LYS A 168 -16.36 21.25 -6.20
C LYS A 168 -17.88 21.07 -6.14
N THR A 169 -18.34 19.84 -6.38
CA THR A 169 -19.77 19.53 -6.45
C THR A 169 -20.35 19.05 -5.13
N GLY A 170 -19.50 18.52 -4.25
CA GLY A 170 -19.94 17.99 -2.96
C GLY A 170 -20.38 16.54 -3.03
N ASN A 171 -20.32 15.95 -4.23
CA ASN A 171 -20.65 14.55 -4.44
C ASN A 171 -19.63 13.63 -3.77
N VAL A 172 -20.12 12.54 -3.21
CA VAL A 172 -19.26 11.51 -2.61
C VAL A 172 -19.45 10.18 -3.33
N TYR A 173 -18.36 9.65 -3.86
CA TYR A 173 -18.35 8.34 -4.49
C TYR A 173 -17.85 7.32 -3.49
N THR A 174 -18.53 6.18 -3.43
CA THR A 174 -18.25 5.15 -2.44
C THR A 174 -17.66 3.93 -3.14
N SER A 175 -16.50 3.49 -2.67
CA SER A 175 -15.85 2.32 -3.23
C SER A 175 -16.43 1.06 -2.60
N ARG A 176 -16.89 0.14 -3.43
CA ARG A 176 -17.43 -1.12 -2.96
C ARG A 176 -16.72 -2.29 -3.62
N ILE A 177 -16.35 -3.28 -2.81
CA ILE A 177 -15.75 -4.50 -3.33
C ILE A 177 -16.87 -5.48 -3.61
N LYS A 178 -17.27 -5.56 -4.87
CA LYS A 178 -18.37 -6.42 -5.26
C LYS A 178 -18.02 -7.18 -6.52
N THR A 179 -18.81 -8.21 -6.80
CA THR A 179 -18.61 -9.00 -7.99
C THR A 179 -19.42 -8.41 -9.12
N ILE A 180 -19.24 -8.98 -10.31
CA ILE A 180 -19.99 -8.58 -11.48
C ILE A 180 -20.51 -9.86 -12.13
N LEU A 181 -21.81 -9.87 -12.46
CA LEU A 181 -22.49 -11.02 -13.06
C LEU A 181 -22.45 -12.28 -12.18
N GLY A 182 -23.05 -12.20 -11.00
CA GLY A 182 -23.17 -13.35 -10.12
C GLY A 182 -22.58 -13.14 -8.75
N ASP A 183 -23.39 -13.41 -7.72
CA ASP A 183 -22.94 -13.35 -6.33
C ASP A 183 -21.84 -14.37 -6.08
N PHE A 184 -21.03 -14.10 -5.07
CA PHE A 184 -19.96 -14.99 -4.69
C PHE A 184 -20.15 -15.45 -3.24
N GLU A 185 -19.70 -16.67 -2.95
CA GLU A 185 -19.55 -17.15 -1.59
C GLU A 185 -18.35 -18.08 -1.55
N GLY A 186 -17.41 -17.77 -0.67
CA GLY A 186 -16.20 -18.58 -0.57
C GLY A 186 -15.51 -18.49 0.77
N PRO A 187 -14.60 -19.45 1.04
CA PRO A 187 -13.91 -19.47 2.33
C PRO A 187 -12.99 -18.28 2.50
N THR A 188 -12.87 -17.81 3.73
CA THR A 188 -11.86 -16.85 4.13
C THR A 188 -11.33 -17.20 5.50
N ILE A 189 -10.31 -16.46 5.94
CA ILE A 189 -9.77 -16.65 7.29
C ILE A 189 -10.18 -15.49 8.18
N ASP A 190 -10.84 -15.81 9.29
CA ASP A 190 -11.20 -14.84 10.30
C ASP A 190 -10.12 -14.82 11.38
N VAL A 191 -9.30 -13.77 11.37
CA VAL A 191 -8.18 -13.63 12.29
C VAL A 191 -8.65 -13.52 13.76
N GLU A 192 -9.76 -12.83 13.96
CA GLU A 192 -10.35 -12.68 15.31
C GLU A 192 -10.55 -14.04 15.98
N ARG A 193 -10.97 -15.03 15.20
CA ARG A 193 -11.36 -16.34 15.75
C ARG A 193 -10.43 -17.50 15.36
N ASP A 194 -9.36 -17.21 14.62
CA ASP A 194 -8.46 -18.24 14.07
C ASP A 194 -9.25 -19.36 13.36
N GLU A 195 -10.20 -18.96 12.52
CA GLU A 195 -11.12 -19.92 11.88
C GLU A 195 -11.35 -19.61 10.42
N ILE A 196 -11.61 -20.64 9.63
CA ILE A 196 -12.13 -20.45 8.28
C ILE A 196 -13.64 -20.18 8.37
N THR A 197 -14.09 -19.18 7.62
CA THR A 197 -15.52 -18.82 7.57
C THR A 197 -15.90 -18.53 6.11
N LEU A 198 -17.19 -18.68 5.80
CA LEU A 198 -17.70 -18.35 4.47
C LEU A 198 -18.12 -16.87 4.40
N LYS A 199 -17.70 -16.22 3.33
CA LYS A 199 -17.97 -14.81 3.11
C LYS A 199 -18.74 -14.62 1.80
N LYS A 200 -19.86 -13.90 1.87
CA LYS A 200 -20.70 -13.63 0.70
C LYS A 200 -20.44 -12.23 0.16
N VAL A 201 -20.29 -12.13 -1.16
CA VAL A 201 -20.14 -10.86 -1.84
C VAL A 201 -21.17 -10.79 -2.97
N SER A 202 -21.95 -9.72 -3.03
CA SER A 202 -23.02 -9.62 -4.03
C SER A 202 -22.62 -8.87 -5.31
N SER A 203 -23.41 -9.07 -6.37
CA SER A 203 -23.20 -8.42 -7.66
C SER A 203 -23.45 -6.92 -7.56
N ALA A 204 -22.62 -6.15 -8.26
CA ALA A 204 -22.72 -4.71 -8.22
C ALA A 204 -23.68 -4.19 -9.28
N SER A 205 -24.36 -3.10 -8.96
CA SER A 205 -25.15 -2.35 -9.94
C SER A 205 -24.18 -1.54 -10.80
N ILE A 206 -24.63 -1.10 -11.97
CA ILE A 206 -23.77 -0.30 -12.85
C ILE A 206 -23.29 1.00 -12.17
N GLU A 207 -24.12 1.54 -11.29
CA GLU A 207 -23.79 2.75 -10.53
C GLU A 207 -22.66 2.47 -9.53
N GLU A 208 -22.70 1.30 -8.90
CA GLU A 208 -21.69 0.89 -7.92
C GLU A 208 -20.34 0.63 -8.59
N ILE A 209 -20.38 0.05 -9.78
CA ILE A 209 -19.19 -0.15 -10.60
C ILE A 209 -18.54 1.20 -10.89
N GLU A 210 -19.36 2.16 -11.33
CA GLU A 210 -18.85 3.48 -11.69
C GLU A 210 -18.24 4.23 -10.49
N GLU A 211 -18.92 4.17 -9.34
CA GLU A 211 -18.43 4.82 -8.13
C GLU A 211 -17.08 4.26 -7.67
N THR A 212 -16.93 2.94 -7.72
CA THR A 212 -15.65 2.30 -7.39
C THR A 212 -14.54 2.76 -8.35
N ARG A 213 -14.88 2.86 -9.64
CA ARG A 213 -13.94 3.35 -10.64
C ARG A 213 -13.53 4.79 -10.35
N LYS A 214 -14.49 5.59 -9.88
CA LYS A 214 -14.23 6.97 -9.50
C LYS A 214 -13.23 7.08 -8.34
N VAL A 215 -13.35 6.16 -7.38
CA VAL A 215 -12.48 6.18 -6.19
C VAL A 215 -11.11 5.56 -6.46
N MSE A 216 -11.11 4.36 -7.04
CA MSE A 216 -9.90 3.56 -7.14
C MSE A 216 -9.32 3.46 -8.56
O MSE A 216 -8.31 2.78 -8.78
CB MSE A 216 -10.11 2.18 -6.51
CG MSE A 216 -10.12 2.18 -4.97
SE MSE A 216 -8.43 2.80 -4.15
CE MSE A 216 -7.33 1.20 -4.48
N GLY A 217 -9.95 4.15 -9.51
CA GLY A 217 -9.42 4.27 -10.87
C GLY A 217 -8.30 5.29 -10.90
N GLY A 218 -7.94 5.74 -12.10
CA GLY A 218 -6.79 6.64 -12.26
C GLY A 218 -7.08 8.12 -12.32
N GLU A 219 -8.33 8.54 -12.13
CA GLU A 219 -8.70 9.95 -12.29
C GLU A 219 -7.94 10.92 -11.38
N ASP A 220 -7.85 10.61 -10.09
CA ASP A 220 -7.15 11.48 -9.17
C ASP A 220 -5.64 11.48 -9.41
N TRP A 221 -5.06 10.29 -9.61
CA TRP A 221 -3.64 10.18 -9.99
C TRP A 221 -3.33 11.06 -11.19
N GLN A 222 -4.14 10.93 -12.25
CA GLN A 222 -4.00 11.77 -13.45
C GLN A 222 -4.08 13.26 -13.14
N GLU A 223 -5.03 13.65 -12.29
CA GLU A 223 -5.18 15.05 -11.90
C GLU A 223 -3.95 15.57 -11.14
N TRP A 224 -3.44 14.77 -10.19
CA TRP A 224 -2.19 15.12 -9.50
C TRP A 224 -1.07 15.35 -10.50
N CYS A 225 -0.89 14.40 -11.41
CA CYS A 225 0.17 14.46 -12.41
C CYS A 225 0.06 15.69 -13.31
N GLU A 226 -1.15 16.00 -13.76
CA GLU A 226 -1.37 17.16 -14.61
C GLU A 226 -1.08 18.47 -13.87
N GLU A 227 -1.59 18.60 -12.65
CA GLU A 227 -1.37 19.79 -11.83
C GLU A 227 0.11 19.98 -11.49
N LEU A 228 0.80 18.88 -11.17
CA LEU A 228 2.23 18.90 -10.91
C LEU A 228 3.03 19.31 -12.15
N LEU A 229 2.72 18.69 -13.29
CA LEU A 229 3.42 18.97 -14.54
C LEU A 229 3.24 20.43 -14.95
N TYR A 230 2.02 20.91 -14.84
CA TYR A 230 1.66 22.19 -15.40
C TYR A 230 2.03 23.38 -14.53
N GLU A 231 2.25 23.11 -13.25
CA GLU A 231 2.77 24.13 -12.34
C GLU A 231 4.30 24.06 -12.21
N ASP A 232 4.94 23.32 -13.11
CA ASP A 232 6.40 23.23 -13.19
C ASP A 232 7.03 22.56 -11.94
N CYS A 233 6.40 21.48 -11.48
CA CYS A 233 6.82 20.79 -10.26
C CYS A 233 7.66 19.53 -10.49
N PHE A 234 7.64 19.02 -11.72
CA PHE A 234 8.41 17.82 -12.06
C PHE A 234 9.78 18.19 -12.61
N SER A 235 10.80 17.47 -12.17
CA SER A 235 12.12 17.51 -12.80
C SER A 235 12.01 16.93 -14.21
N ASP A 236 12.89 17.36 -15.11
CA ASP A 236 12.97 16.72 -16.43
C ASP A 236 13.17 15.23 -16.26
N LYS A 237 12.48 14.44 -17.08
CA LYS A 237 12.57 12.97 -17.06
C LYS A 237 12.00 12.33 -15.78
N ALA A 238 11.11 13.03 -15.08
CA ALA A 238 10.52 12.50 -13.85
C ALA A 238 9.72 11.21 -14.09
N THR A 239 9.64 10.36 -13.06
CA THR A 239 8.89 9.10 -13.14
C THR A 239 7.68 9.18 -12.22
N THR A 240 6.55 8.63 -12.66
CA THR A 240 5.42 8.42 -11.76
C THR A 240 4.88 6.99 -11.85
N ILE A 241 4.49 6.45 -10.70
CA ILE A 241 4.11 5.05 -10.55
C ILE A 241 2.85 4.95 -9.68
N ALA A 242 1.94 4.06 -10.07
CA ALA A 242 0.83 3.67 -9.19
C ALA A 242 0.83 2.16 -9.06
N TYR A 243 0.22 1.65 -8.01
CA TYR A 243 0.29 0.23 -7.72
C TYR A 243 -1.01 -0.48 -8.04
N SER A 244 -0.88 -1.67 -8.60
CA SER A 244 -2.04 -2.47 -8.97
C SER A 244 -1.87 -3.93 -8.56
N TYR A 245 -2.90 -4.72 -8.79
CA TYR A 245 -2.88 -6.15 -8.52
C TYR A 245 -3.69 -6.89 -9.60
N ILE A 246 -3.22 -8.08 -9.96
CA ILE A 246 -3.92 -8.93 -10.93
C ILE A 246 -4.33 -10.23 -10.26
N GLY A 247 -3.36 -10.91 -9.63
CA GLY A 247 -3.65 -12.09 -8.84
C GLY A 247 -3.94 -13.34 -9.65
N SER A 248 -4.52 -14.34 -8.98
CA SER A 248 -4.76 -15.62 -9.64
C SER A 248 -6.27 -15.82 -9.88
N PRO A 249 -6.62 -16.82 -10.71
CA PRO A 249 -8.04 -17.15 -10.85
C PRO A 249 -8.74 -17.47 -9.52
N ARG A 250 -7.99 -17.85 -8.49
CA ARG A 250 -8.57 -18.06 -7.16
C ARG A 250 -9.33 -16.84 -6.63
N THR A 251 -8.99 -15.65 -7.13
CA THR A 251 -9.62 -14.41 -6.68
C THR A 251 -10.16 -13.50 -7.79
N TYR A 252 -10.26 -14.00 -9.03
CA TYR A 252 -10.77 -13.15 -10.13
C TYR A 252 -12.17 -12.60 -9.82
N LYS A 253 -13.05 -13.45 -9.31
CA LYS A 253 -14.42 -13.03 -9.00
C LYS A 253 -14.53 -11.81 -8.08
N ILE A 254 -13.82 -11.84 -6.96
CA ILE A 254 -13.91 -10.74 -5.98
C ILE A 254 -12.88 -9.63 -6.20
N TYR A 255 -11.87 -9.89 -7.03
CA TYR A 255 -10.88 -8.84 -7.30
C TYR A 255 -10.86 -8.44 -8.78
N ARG A 256 -10.01 -9.09 -9.56
CA ARG A 256 -9.68 -8.66 -10.92
C ARG A 256 -10.88 -8.55 -11.87
N GLU A 257 -11.88 -9.40 -11.68
CA GLU A 257 -13.09 -9.31 -12.51
C GLU A 257 -14.30 -8.81 -11.72
N GLY A 258 -14.04 -8.18 -10.59
CA GLY A 258 -15.07 -7.48 -9.82
C GLY A 258 -14.92 -5.97 -9.97
N THR A 259 -15.63 -5.23 -9.13
CA THR A 259 -15.61 -3.77 -9.17
C THR A 259 -14.20 -3.19 -9.00
N ILE A 260 -13.41 -3.77 -8.09
CA ILE A 260 -12.04 -3.27 -7.88
C ILE A 260 -11.15 -3.54 -9.09
N GLY A 261 -11.35 -4.67 -9.76
CA GLY A 261 -10.65 -4.97 -11.01
C GLY A 261 -10.94 -3.99 -12.14
N ILE A 262 -12.19 -3.56 -12.26
CA ILE A 262 -12.59 -2.55 -13.24
C ILE A 262 -11.91 -1.20 -12.94
N ALA A 263 -11.86 -0.83 -11.66
CA ALA A 263 -11.12 0.34 -11.20
C ALA A 263 -9.62 0.26 -11.53
N LYS A 264 -9.02 -0.90 -11.27
CA LYS A 264 -7.58 -1.07 -11.54
C LYS A 264 -7.27 -1.01 -13.04
N LYS A 265 -8.18 -1.52 -13.87
CA LYS A 265 -8.04 -1.39 -15.32
C LYS A 265 -8.13 0.07 -15.77
N ASP A 266 -8.98 0.84 -15.10
CA ASP A 266 -9.02 2.29 -15.32
C ASP A 266 -7.70 2.96 -14.89
N LEU A 267 -7.14 2.52 -13.76
CA LEU A 267 -5.83 3.01 -13.31
C LEU A 267 -4.75 2.73 -14.36
N GLU A 268 -4.74 1.52 -14.89
CA GLU A 268 -3.79 1.12 -15.93
C GLU A 268 -3.97 1.88 -17.25
N ASP A 269 -5.22 2.17 -17.61
CA ASP A 269 -5.52 3.01 -18.78
C ASP A 269 -5.05 4.45 -18.59
N LYS A 270 -5.22 5.00 -17.39
CA LYS A 270 -4.74 6.35 -17.08
C LYS A 270 -3.22 6.46 -17.13
N ALA A 271 -2.52 5.43 -16.65
CA ALA A 271 -1.06 5.38 -16.73
C ALA A 271 -0.56 5.67 -18.16
N LYS A 272 -1.22 5.07 -19.14
CA LYS A 272 -0.86 5.26 -20.55
C LYS A 272 -1.05 6.71 -21.00
N LEU A 273 -2.14 7.34 -20.56
CA LEU A 273 -2.42 8.74 -20.89
C LEU A 273 -1.45 9.70 -20.20
N ILE A 274 -1.19 9.46 -18.92
CA ILE A 274 -0.20 10.24 -18.16
C ILE A 274 1.20 10.08 -18.77
N ASN A 275 1.56 8.85 -19.12
CA ASN A 275 2.85 8.56 -19.74
C ASN A 275 3.10 9.35 -21.03
N GLU A 276 2.08 9.41 -21.88
CA GLU A 276 2.16 10.13 -23.16
C GLU A 276 2.42 11.62 -22.93
N LYS A 277 1.70 12.20 -21.98
CA LYS A 277 1.79 13.61 -21.65
C LYS A 277 3.13 13.97 -21.01
N LEU A 278 3.56 13.18 -20.02
CA LEU A 278 4.84 13.42 -19.37
C LEU A 278 6.02 13.25 -20.33
N ASN A 279 5.95 12.23 -21.18
CA ASN A 279 7.00 12.01 -22.18
C ASN A 279 7.11 13.19 -23.15
N ARG A 280 5.96 13.67 -23.62
CA ARG A 280 5.91 14.78 -24.57
C ARG A 280 6.43 16.10 -23.97
N VAL A 281 6.00 16.40 -22.75
CA VAL A 281 6.29 17.70 -22.13
C VAL A 281 7.67 17.75 -21.45
N ILE A 282 8.04 16.71 -20.70
CA ILE A 282 9.31 16.73 -19.96
C ILE A 282 10.22 15.52 -20.20
N GLY A 283 9.85 14.67 -21.16
CA GLY A 283 10.59 13.43 -21.39
C GLY A 283 10.45 12.45 -20.23
N GLY A 284 9.40 12.62 -19.43
CA GLY A 284 9.14 11.76 -18.27
C GLY A 284 8.35 10.52 -18.63
N ARG A 285 7.87 9.81 -17.62
CA ARG A 285 7.14 8.57 -17.85
C ARG A 285 6.20 8.23 -16.70
N ALA A 286 5.19 7.41 -17.02
CA ALA A 286 4.24 6.90 -16.04
C ALA A 286 4.00 5.44 -16.33
N PHE A 287 3.88 4.64 -15.27
CA PHE A 287 3.48 3.25 -15.40
C PHE A 287 2.88 2.72 -14.11
N VAL A 288 2.12 1.64 -14.25
CA VAL A 288 1.62 0.87 -13.13
C VAL A 288 2.63 -0.22 -12.80
N SER A 289 2.88 -0.42 -11.51
CA SER A 289 3.56 -1.61 -11.04
C SER A 289 2.52 -2.54 -10.44
N VAL A 290 2.42 -3.75 -10.98
CA VAL A 290 1.49 -4.75 -10.48
C VAL A 290 2.25 -5.52 -9.40
N ASN A 291 1.84 -5.34 -8.16
CA ASN A 291 2.57 -5.89 -7.03
C ASN A 291 1.99 -7.23 -6.57
N LYS A 292 2.71 -7.90 -5.68
CA LYS A 292 2.25 -9.18 -5.16
C LYS A 292 1.26 -9.01 -4.00
N ALA A 293 0.48 -10.06 -3.76
CA ALA A 293 -0.42 -10.14 -2.61
C ALA A 293 0.35 -10.20 -1.30
N LEU A 294 -0.05 -9.36 -0.34
CA LEU A 294 0.51 -9.42 1.01
C LEU A 294 -0.44 -8.73 1.98
N VAL A 295 -0.16 -8.86 3.28
CA VAL A 295 -1.04 -8.30 4.31
C VAL A 295 -0.75 -6.83 4.55
N THR A 296 -1.75 -6.00 4.29
CA THR A 296 -1.78 -4.60 4.72
C THR A 296 -3.16 -4.34 5.31
N LYS A 297 -3.38 -3.16 5.86
CA LYS A 297 -4.69 -2.77 6.37
C LYS A 297 -5.79 -2.93 5.30
N ALA A 298 -5.51 -2.42 4.09
CA ALA A 298 -6.44 -2.51 2.97
C ALA A 298 -6.71 -3.95 2.52
N SER A 299 -5.64 -4.71 2.27
CA SER A 299 -5.79 -6.06 1.74
C SER A 299 -6.37 -7.03 2.75
N ALA A 300 -6.06 -6.82 4.04
CA ALA A 300 -6.56 -7.70 5.08
C ALA A 300 -8.08 -7.74 5.06
N TYR A 301 -8.72 -6.69 4.54
CA TYR A 301 -10.18 -6.69 4.53
C TYR A 301 -10.85 -6.97 3.18
N ILE A 302 -10.05 -7.32 2.17
CA ILE A 302 -10.61 -7.82 0.90
C ILE A 302 -11.13 -9.25 1.14
N PRO A 303 -12.42 -9.52 0.83
CA PRO A 303 -13.00 -10.84 1.06
C PRO A 303 -12.15 -11.95 0.47
N THR A 304 -11.85 -12.97 1.29
CA THR A 304 -11.09 -14.18 0.92
C THR A 304 -9.58 -13.98 0.79
N PHE A 305 -9.13 -12.73 0.68
CA PHE A 305 -7.71 -12.44 0.53
C PHE A 305 -6.83 -13.09 1.61
N PRO A 306 -7.28 -13.11 2.89
CA PRO A 306 -6.49 -13.78 3.92
C PRO A 306 -6.19 -15.25 3.61
N LEU A 307 -7.13 -15.97 3.02
CA LEU A 307 -6.93 -17.38 2.72
C LEU A 307 -5.92 -17.56 1.59
N TYR A 308 -6.07 -16.77 0.53
CA TYR A 308 -5.15 -16.83 -0.60
C TYR A 308 -3.74 -16.47 -0.16
N ALA A 309 -3.61 -15.36 0.57
CA ALA A 309 -2.31 -14.91 1.04
C ALA A 309 -1.64 -15.94 1.96
N ALA A 310 -2.43 -16.58 2.83
CA ALA A 310 -1.89 -17.59 3.76
C ALA A 310 -1.31 -18.82 3.04
N ILE A 311 -1.97 -19.27 1.99
CA ILE A 311 -1.47 -20.38 1.18
C ILE A 311 -0.26 -19.92 0.36
N LEU A 312 -0.39 -18.76 -0.29
CA LEU A 312 0.72 -18.17 -1.04
C LEU A 312 1.98 -18.01 -0.18
N TYR A 313 1.82 -17.52 1.05
CA TYR A 313 2.94 -17.40 1.99
C TYR A 313 3.63 -18.74 2.21
N LYS A 314 2.83 -19.77 2.42
CA LYS A 314 3.34 -21.13 2.65
C LYS A 314 4.19 -21.61 1.49
N VAL A 315 3.64 -21.49 0.28
CA VAL A 315 4.31 -21.95 -0.94
C VAL A 315 5.59 -21.18 -1.22
N MSE A 316 5.49 -19.85 -1.14
CA MSE A 316 6.63 -19.00 -1.48
C MSE A 316 7.76 -19.05 -0.45
O MSE A 316 8.92 -18.92 -0.83
CB MSE A 316 6.17 -17.56 -1.75
CG MSE A 316 5.28 -17.45 -2.97
SE MSE A 316 5.11 -15.63 -3.63
CE MSE A 316 6.79 -15.47 -4.56
N LYS A 317 7.42 -19.26 0.83
CA LYS A 317 8.43 -19.49 1.85
C LYS A 317 9.18 -20.81 1.61
N GLU A 318 8.46 -21.85 1.23
CA GLU A 318 9.09 -23.14 0.92
C GLU A 318 10.01 -23.05 -0.30
N LYS A 319 9.70 -22.12 -1.21
CA LYS A 319 10.48 -21.93 -2.42
C LYS A 319 11.49 -20.78 -2.30
N ASN A 320 11.64 -20.25 -1.08
CA ASN A 320 12.58 -19.17 -0.75
C ASN A 320 12.41 -17.86 -1.53
N ILE A 321 11.16 -17.56 -1.90
CA ILE A 321 10.86 -16.37 -2.71
C ILE A 321 9.79 -15.49 -2.08
N HIS A 322 9.51 -15.71 -0.80
CA HIS A 322 8.56 -14.88 -0.08
C HIS A 322 9.08 -13.46 0.07
N GLU A 323 8.20 -12.49 -0.11
CA GLU A 323 8.52 -11.07 0.11
C GLU A 323 7.41 -10.37 0.88
N ASN A 324 7.79 -9.48 1.79
CA ASN A 324 6.86 -8.53 2.39
C ASN A 324 6.92 -7.19 1.62
N CYS A 325 6.34 -6.13 2.18
CA CYS A 325 6.28 -4.83 1.51
C CYS A 325 7.65 -4.26 1.19
N ILE A 326 8.51 -4.18 2.21
CA ILE A 326 9.82 -3.56 2.05
C ILE A 326 10.71 -4.35 1.10
N MSE A 327 10.62 -5.67 1.13
CA MSE A 327 11.38 -6.51 0.21
C MSE A 327 10.93 -6.33 -1.24
O MSE A 327 11.75 -6.22 -2.14
CB MSE A 327 11.32 -7.98 0.62
CG MSE A 327 11.91 -8.25 2.01
SE MSE A 327 11.83 -10.15 2.47
CE MSE A 327 13.18 -10.82 1.26
N GLN A 328 9.60 -6.27 -1.45
CA GLN A 328 8.99 -5.96 -2.74
C GLN A 328 9.50 -4.65 -3.31
N ILE A 329 9.41 -3.60 -2.52
CA ILE A 329 9.78 -2.26 -2.95
C ILE A 329 11.28 -2.15 -3.20
N GLU A 330 12.08 -2.71 -2.29
CA GLU A 330 13.54 -2.69 -2.45
C GLU A 330 13.99 -3.37 -3.73
N ARG A 331 13.38 -4.52 -4.04
CA ARG A 331 13.68 -5.22 -5.28
C ARG A 331 13.21 -4.42 -6.50
N MSE A 332 12.02 -3.85 -6.40
CA MSE A 332 11.48 -3.06 -7.51
C MSE A 332 12.40 -1.90 -7.89
O MSE A 332 12.75 -1.75 -9.06
CB MSE A 332 10.09 -2.51 -7.16
CG MSE A 332 9.48 -1.74 -8.30
SE MSE A 332 7.90 -0.84 -7.69
CE MSE A 332 8.66 0.56 -6.58
N PHE A 333 12.79 -1.10 -6.90
CA PHE A 333 13.69 0.02 -7.14
C PHE A 333 15.10 -0.40 -7.54
N SER A 334 15.72 -1.30 -6.77
CA SER A 334 17.14 -1.62 -7.00
C SER A 334 17.39 -2.58 -8.16
N GLU A 335 16.39 -3.40 -8.51
CA GLU A 335 16.58 -4.39 -9.56
C GLU A 335 15.86 -4.07 -10.87
N LYS A 336 14.82 -3.24 -10.83
CA LYS A 336 14.05 -2.97 -12.04
C LYS A 336 14.03 -1.51 -12.46
N ILE A 337 13.72 -0.61 -11.53
CA ILE A 337 13.53 0.80 -11.88
C ILE A 337 14.85 1.58 -11.93
N TYR A 338 15.67 1.44 -10.88
CA TYR A 338 16.94 2.16 -10.79
C TYR A 338 18.12 1.21 -10.81
N SER A 339 18.12 0.31 -11.79
CA SER A 339 19.14 -0.73 -11.89
C SER A 339 20.12 -0.42 -13.01
N ASN A 340 21.18 -1.22 -13.09
CA ASN A 340 22.05 -1.22 -14.25
C ASN A 340 21.29 -1.79 -15.45
N GLU A 341 20.64 -2.93 -15.23
CA GLU A 341 19.75 -3.56 -16.21
C GLU A 341 18.58 -2.65 -16.59
N LYS A 342 18.27 -2.62 -17.89
CA LYS A 342 17.15 -1.85 -18.40
C LYS A 342 15.83 -2.41 -17.90
N ILE A 343 14.89 -1.53 -17.60
CA ILE A 343 13.55 -1.92 -17.16
C ILE A 343 12.82 -2.75 -18.23
N GLN A 344 12.08 -3.76 -17.79
CA GLN A 344 11.26 -4.59 -18.67
C GLN A 344 9.80 -4.54 -18.25
N PHE A 345 8.93 -4.17 -19.18
CA PHE A 345 7.48 -4.16 -18.93
C PHE A 345 6.83 -5.39 -19.54
N ASP A 346 5.62 -5.72 -19.10
CA ASP A 346 4.85 -6.78 -19.75
C ASP A 346 4.28 -6.24 -21.08
N ASP A 347 3.52 -7.08 -21.79
CA ASP A 347 3.02 -6.68 -23.11
C ASP A 347 1.97 -5.57 -23.05
N LYS A 348 1.54 -5.21 -21.85
CA LYS A 348 0.60 -4.10 -21.65
C LYS A 348 1.26 -2.86 -21.03
N GLY A 349 2.58 -2.86 -20.95
CA GLY A 349 3.34 -1.71 -20.46
C GLY A 349 3.37 -1.58 -18.94
N ARG A 350 3.13 -2.69 -18.24
CA ARG A 350 3.10 -2.69 -16.78
C ARG A 350 4.38 -3.32 -16.24
N LEU A 351 4.89 -2.78 -15.14
CA LEU A 351 5.98 -3.41 -14.41
C LEU A 351 5.39 -4.53 -13.58
N ARG A 352 6.03 -5.69 -13.58
CA ARG A 352 5.48 -6.86 -12.88
C ARG A 352 6.30 -7.26 -11.66
N MSE A 353 5.80 -6.91 -10.47
CA MSE A 353 6.45 -7.32 -9.22
C MSE A 353 5.73 -8.53 -8.62
O MSE A 353 6.11 -9.03 -7.55
CB MSE A 353 6.49 -6.15 -8.23
CG MSE A 353 7.38 -4.99 -8.68
SE MSE A 353 9.24 -5.55 -9.07
CE MSE A 353 9.70 -6.31 -7.34
N ASP A 354 4.71 -9.00 -9.33
CA ASP A 354 4.03 -10.26 -9.04
C ASP A 354 4.65 -11.38 -9.90
N ASP A 355 5.84 -11.11 -10.44
CA ASP A 355 6.57 -12.07 -11.28
C ASP A 355 6.84 -13.41 -10.57
N LEU A 356 7.14 -13.34 -9.27
CA LEU A 356 7.37 -14.56 -8.50
C LEU A 356 6.07 -15.21 -8.01
N GLU A 357 5.11 -14.39 -7.56
CA GLU A 357 3.79 -14.88 -7.17
C GLU A 357 3.12 -15.70 -8.26
N LEU A 358 3.15 -15.17 -9.48
CA LEU A 358 2.45 -15.79 -10.61
C LEU A 358 3.32 -16.79 -11.38
N ARG A 359 4.49 -17.12 -10.85
CA ARG A 359 5.33 -18.16 -11.42
C ARG A 359 4.54 -19.47 -11.45
N LYS A 360 4.71 -20.25 -12.51
CA LYS A 360 3.89 -21.43 -12.77
C LYS A 360 3.90 -22.46 -11.64
N ASP A 361 5.09 -22.78 -11.13
CA ASP A 361 5.23 -23.77 -10.06
C ASP A 361 4.60 -23.29 -8.74
N VAL A 362 4.66 -21.98 -8.50
CA VAL A 362 4.02 -21.37 -7.33
C VAL A 362 2.51 -21.56 -7.41
N GLN A 363 1.93 -21.13 -8.53
CA GLN A 363 0.48 -21.16 -8.71
C GLN A 363 -0.09 -22.58 -8.76
N ASP A 364 0.67 -23.50 -9.37
CA ASP A 364 0.32 -24.92 -9.35
C ASP A 364 0.18 -25.44 -7.93
N GLU A 365 1.16 -25.09 -7.08
CA GLU A 365 1.14 -25.54 -5.69
C GLU A 365 0.03 -24.87 -4.88
N VAL A 366 -0.17 -23.57 -5.10
CA VAL A 366 -1.26 -22.84 -4.44
C VAL A 366 -2.62 -23.46 -4.78
N ASP A 367 -2.85 -23.76 -6.06
CA ASP A 367 -4.10 -24.37 -6.52
C ASP A 367 -4.30 -25.76 -5.92
N ARG A 368 -3.22 -26.54 -5.82
CA ARG A 368 -3.26 -27.88 -5.25
C ARG A 368 -3.62 -27.84 -3.76
N ILE A 369 -2.98 -26.95 -3.01
CA ILE A 369 -3.28 -26.78 -1.60
C ILE A 369 -4.73 -26.29 -1.43
N TRP A 370 -5.10 -25.28 -2.21
CA TRP A 370 -6.44 -24.70 -2.15
C TRP A 370 -7.52 -25.78 -2.24
N SER A 371 -7.34 -26.72 -3.16
CA SER A 371 -8.29 -27.80 -3.36
C SER A 371 -8.38 -28.76 -2.18
N ASN A 372 -7.34 -28.81 -1.36
CA ASN A 372 -7.31 -29.70 -0.18
C ASN A 372 -7.70 -29.01 1.13
N ILE A 373 -7.90 -27.70 1.07
CA ILE A 373 -8.19 -26.88 2.26
C ILE A 373 -9.55 -27.18 2.86
N THR A 374 -9.60 -27.35 4.18
CA THR A 374 -10.85 -27.47 4.93
C THR A 374 -10.78 -26.60 6.19
N PRO A 375 -11.94 -26.28 6.79
CA PRO A 375 -11.95 -25.57 8.07
C PRO A 375 -11.11 -26.26 9.17
N GLU A 376 -10.94 -27.58 9.06
CA GLU A 376 -10.22 -28.35 10.07
C GLU A 376 -8.70 -28.39 9.88
N ASN A 377 -8.24 -28.32 8.63
CA ASN A 377 -6.81 -28.48 8.36
C ASN A 377 -6.05 -27.22 7.93
N PHE A 378 -6.74 -26.09 7.82
CA PHE A 378 -6.16 -24.92 7.14
C PHE A 378 -4.85 -24.42 7.76
N LYS A 379 -4.75 -24.50 9.09
CA LYS A 379 -3.54 -24.04 9.81
C LYS A 379 -2.33 -24.92 9.50
N GLU A 380 -2.57 -26.18 9.13
CA GLU A 380 -1.51 -27.10 8.74
C GLU A 380 -1.09 -26.90 7.30
N LEU A 381 -2.05 -26.65 6.42
CA LEU A 381 -1.79 -26.57 4.99
C LEU A 381 -1.36 -25.19 4.52
N SER A 382 -1.71 -24.15 5.28
CA SER A 382 -1.38 -22.76 4.93
C SER A 382 -0.49 -22.13 6.00
N ASP A 383 0.14 -21.00 5.67
CA ASP A 383 0.95 -20.28 6.64
C ASP A 383 0.10 -19.25 7.38
N TYR A 384 -0.87 -19.75 8.14
CA TYR A 384 -1.75 -18.87 8.91
C TYR A 384 -0.98 -18.11 9.98
N LYS A 385 -0.04 -18.82 10.60
CA LYS A 385 0.82 -18.23 11.64
C LYS A 385 1.58 -17.01 11.10
N GLY A 386 2.21 -17.17 9.94
CA GLY A 386 2.93 -16.07 9.26
C GLY A 386 2.02 -14.94 8.84
N TYR A 387 0.85 -15.30 8.33
CA TYR A 387 -0.15 -14.31 7.93
C TYR A 387 -0.58 -13.46 9.13
N LYS A 388 -0.95 -14.15 10.22
CA LYS A 388 -1.43 -13.47 11.42
C LYS A 388 -0.35 -12.56 12.03
N LYS A 389 0.89 -13.05 12.06
CA LYS A 389 2.01 -12.27 12.58
C LYS A 389 2.23 -10.96 11.81
N GLU A 390 2.19 -11.03 10.47
CA GLU A 390 2.35 -9.84 9.64
C GLU A 390 1.20 -8.87 9.89
N PHE A 391 -0.02 -9.40 10.05
CA PHE A 391 -1.20 -8.60 10.39
C PHE A 391 -1.05 -7.90 11.75
N MSE A 392 -0.58 -8.64 12.74
CA MSE A 392 -0.33 -8.11 14.08
C MSE A 392 0.78 -7.07 14.06
O MSE A 392 0.67 -6.04 14.73
CB MSE A 392 0.03 -9.25 15.04
CG MSE A 392 -1.12 -10.17 15.37
SE MSE A 392 -2.63 -9.16 16.05
CE MSE A 392 -4.03 -10.53 15.96
N ASN A 393 1.84 -7.35 13.31
CA ASN A 393 3.04 -6.52 13.24
C ASN A 393 2.79 -5.11 12.71
N LEU A 394 1.91 -5.00 11.70
CA LEU A 394 1.65 -3.70 11.09
C LEU A 394 0.86 -2.79 12.03
N ASN A 395 0.22 -3.41 13.02
CA ASN A 395 -0.51 -2.70 14.08
C ASN A 395 0.33 -2.56 15.34
N GLY A 396 1.58 -2.95 15.25
CA GLY A 396 2.53 -2.80 16.35
C GLY A 396 2.58 -3.93 17.36
N PHE A 397 1.91 -5.04 17.05
CA PHE A 397 1.85 -6.17 17.96
C PHE A 397 2.75 -7.33 17.51
N ASP A 398 3.12 -8.19 18.47
CA ASP A 398 3.89 -9.41 18.21
C ASP A 398 5.28 -9.14 17.59
N LEU A 399 5.91 -8.05 18.00
CA LEU A 399 7.24 -7.68 17.52
C LEU A 399 8.31 -7.90 18.59
N ASP A 400 9.48 -8.37 18.17
CA ASP A 400 10.64 -8.46 19.06
C ASP A 400 11.19 -7.08 19.39
N GLY A 401 11.79 -6.95 20.58
CA GLY A 401 12.37 -5.67 21.02
C GLY A 401 11.35 -4.63 21.47
N VAL A 402 10.12 -5.08 21.73
CA VAL A 402 9.07 -4.21 22.27
C VAL A 402 8.57 -4.81 23.59
N ASP A 403 8.61 -4.01 24.64
CA ASP A 403 8.16 -4.42 25.96
C ASP A 403 6.65 -4.19 26.09
N TYR A 404 5.87 -5.26 25.90
CA TYR A 404 4.41 -5.17 25.88
C TYR A 404 3.78 -5.11 27.26
N SER A 405 4.61 -5.15 28.31
CA SER A 405 4.12 -5.06 29.68
C SER A 405 4.23 -3.63 30.23
N LYS A 406 4.91 -2.77 29.48
CA LYS A 406 5.09 -1.36 29.88
C LYS A 406 3.84 -0.54 29.60
N ASP A 407 3.43 0.26 30.58
CA ASP A 407 2.31 1.19 30.39
C ASP A 407 2.71 2.29 29.41
N LEU A 408 1.76 2.74 28.59
CA LEU A 408 2.01 3.87 27.69
C LEU A 408 1.39 5.14 28.25
N ASP A 409 2.15 6.23 28.20
CA ASP A 409 1.65 7.53 28.58
C ASP A 409 0.90 8.11 27.37
N ILE A 410 -0.41 8.27 27.52
CA ILE A 410 -1.26 8.80 26.46
C ILE A 410 -0.98 10.28 26.18
N GLU A 411 -0.74 11.07 27.22
CA GLU A 411 -0.43 12.50 27.08
C GLU A 411 0.87 12.72 26.31
N LEU A 412 1.83 11.83 26.53
CA LEU A 412 3.10 11.87 25.80
C LEU A 412 2.87 11.54 24.32
N LEU A 413 2.11 10.49 24.05
CA LEU A 413 1.80 10.07 22.69
C LEU A 413 0.99 11.12 21.91
N ARG A 414 0.00 11.72 22.55
CA ARG A 414 -0.85 12.72 21.88
C ARG A 414 -0.11 14.02 21.53
N LYS A 415 1.03 14.27 22.18
CA LYS A 415 1.84 15.46 21.89
C LYS A 415 2.77 15.28 20.68
N LEU A 416 2.92 14.04 20.21
CA LEU A 416 3.75 13.77 19.03
C LEU A 416 3.09 14.35 17.77
N GLU A 417 3.93 14.95 16.91
CA GLU A 417 3.43 15.62 15.70
C GLU A 417 4.01 15.04 14.40
N PRO A 418 3.18 14.96 13.35
CA PRO A 418 3.61 14.50 12.03
C PRO A 418 4.49 15.54 11.31
PA NAI B . -2.57 0.62 3.12
O1A NAI B . -1.44 0.06 3.89
O2A NAI B . -3.91 0.70 3.76
O5B NAI B . -2.20 2.10 2.62
C5B NAI B . -3.24 3.02 2.24
C4B NAI B . -2.66 4.44 2.18
O4B NAI B . -3.59 5.29 1.46
C3B NAI B . -2.51 5.02 3.58
O3B NAI B . -1.29 5.78 3.61
C2B NAI B . -3.72 5.94 3.70
O2B NAI B . -3.48 7.04 4.59
C1B NAI B . -3.80 6.45 2.29
N9A NAI B . -5.12 7.07 2.02
C8A NAI B . -6.44 6.42 2.00
N7A NAI B . -7.32 7.54 1.68
C5A NAI B . -6.58 8.64 1.54
C6A NAI B . -6.95 9.89 1.26
N6A NAI B . -8.25 10.12 1.05
N1A NAI B . -6.06 10.91 1.18
C2A NAI B . -4.71 10.65 1.41
N3A NAI B . -4.34 9.34 1.69
C4A NAI B . -5.28 8.37 1.76
O3 NAI B . -2.81 -0.17 1.72
PN NAI B . -1.76 -0.78 0.66
O1N NAI B . -2.02 -2.22 0.55
O2N NAI B . -0.38 -0.31 0.92
O5D NAI B . -2.37 -0.10 -0.67
C5D NAI B . -1.65 0.86 -1.45
C4D NAI B . -1.77 0.53 -2.94
O4D NAI B . -1.18 -0.77 -3.19
C3D NAI B . -3.26 0.40 -3.31
O3D NAI B . -3.47 1.06 -4.58
C2D NAI B . -3.46 -1.10 -3.44
O2D NAI B . -4.53 -1.39 -4.37
C1D NAI B . -2.11 -1.51 -4.01
N1N NAI B . -1.79 -2.95 -3.88
C2N NAI B . -1.93 -3.65 -2.65
C3N NAI B . -1.61 -5.02 -2.59
C7N NAI B . -1.75 -5.72 -1.37
O7N NAI B . -1.89 -7.06 -1.44
N7N NAI B . -1.66 -5.01 -0.23
C4N NAI B . -1.15 -5.68 -3.72
C5N NAI B . -1.00 -4.99 -4.93
C6N NAI B . -1.32 -3.64 -5.02
NA NA C . 0.28 2.54 0.68
#